data_1MRD
#
_entry.id   1MRD
#
_cell.length_a   66.200
_cell.length_b   75.300
_cell.length_c   105.200
_cell.angle_alpha   90.00
_cell.angle_beta   90.00
_cell.angle_gamma   90.00
#
_symmetry.space_group_name_H-M   'P 21 21 21'
#
loop_
_entity.id
_entity.type
_entity.pdbx_description
1 polymer 'IGG2B-KAPPA JEL103 FAB (LIGHT CHAIN)'
2 polymer 'IGG2B-KAPPA JEL103 FAB (HEAVY CHAIN)'
3 non-polymer 'ZINC ION'
4 non-polymer IMIDAZOLE
5 non-polymer "INOSINE-5'-DIPHOSPHATE"
6 water water
#
loop_
_entity_poly.entity_id
_entity_poly.type
_entity_poly.pdbx_seq_one_letter_code
_entity_poly.pdbx_strand_id
1 'polypeptide(L)'
;DVVMTQTPLSLPVSLGDQASISCRSSQSLVHSNGNTYLHWYLQKPGQSPKLLIYKVSNRFSGVPDRFSGSGSGTDFTLKI
SRVEAEDLGVYFCSQSTHVPRTFGGGTKLEIKRADAAPTVSIFPPSSEQLTSGGASVVCFLNNFYPKDINVKWKIDGKER
QNGVLNSWTDQNSKDSTYSMSSTLTLTKDEYERHNSYTCEATHKTSTSPIVKSFNRNEC
;
L
2 'polypeptide(L)'
;QVQLQQSGAELVKPGASVKLSCKASGYTFTSYWMQWVKQRPGQGLEWIGEIDPSDSYTNYNQKFKGKATLTVDTSSSTAY
MQLSSLTSEDSAVYYCANLRGYFDYWGQGTTLTVSSAKTTPPSVYPLAPGCGDTTGSSVTLGCLVKGYFPESVTVTWNSG
SLSSSVHTFPALLQSGLYTMSSSVTVPSSTWPSQTVTCSVAHPASSTTVDKKLEP
;
H
#
loop_
_chem_comp.id
_chem_comp.type
_chem_comp.name
_chem_comp.formula
IDP non-polymer INOSINE-5'-DIPHOSPHATE 'C10 H14 N4 O11 P2'
IMD non-polymer IMIDAZOLE 'C3 H5 N2 1'
ZN non-polymer 'ZINC ION' 'Zn 2'
#
# COMPACT_ATOMS: atom_id res chain seq x y z
N ASP A 1 -22.65 16.95 2.23
CA ASP A 1 -23.39 15.85 1.54
C ASP A 1 -23.78 14.92 2.69
N VAL A 2 -24.12 13.66 2.38
CA VAL A 2 -24.48 12.68 3.40
C VAL A 2 -23.19 12.09 3.96
N VAL A 3 -22.99 12.19 5.26
CA VAL A 3 -21.78 11.64 5.85
C VAL A 3 -21.97 10.27 6.49
N MET A 4 -21.10 9.33 6.11
CA MET A 4 -21.07 7.95 6.58
C MET A 4 -20.05 7.85 7.70
N THR A 5 -20.39 7.15 8.77
CA THR A 5 -19.47 7.01 9.90
C THR A 5 -19.24 5.53 10.22
N GLN A 6 -17.98 5.12 10.37
CA GLN A 6 -17.69 3.72 10.67
C GLN A 6 -17.17 3.45 12.07
N THR A 7 -17.76 2.44 12.70
CA THR A 7 -17.42 2.04 14.05
C THR A 7 -17.09 0.54 14.01
N PRO A 8 -15.85 0.17 14.39
CA PRO A 8 -14.79 1.04 14.85
C PRO A 8 -13.86 1.39 13.70
N LEU A 9 -12.85 2.21 14.00
CA LEU A 9 -11.87 2.64 13.02
C LEU A 9 -10.79 1.56 12.78
N SER A 10 -10.65 0.66 13.75
CA SER A 10 -9.69 -0.43 13.68
C SER A 10 -10.28 -1.54 14.53
N LEU A 11 -10.15 -2.78 14.09
CA LEU A 11 -10.72 -3.88 14.81
C LEU A 11 -9.86 -5.15 14.80
N PRO A 12 -9.30 -5.53 15.96
CA PRO A 12 -8.45 -6.72 16.20
C PRO A 12 -9.33 -7.94 16.49
N VAL A 13 -9.23 -8.97 15.67
CA VAL A 13 -10.08 -10.15 15.82
C VAL A 13 -9.28 -11.43 15.58
N SER A 14 -9.57 -12.48 16.34
CA SER A 14 -8.86 -13.75 16.22
C SER A 14 -9.35 -14.54 15.02
N LEU A 15 -8.49 -15.35 14.43
CA LEU A 15 -8.87 -16.15 13.29
C LEU A 15 -9.97 -17.08 13.77
N GLY A 16 -11.02 -17.24 12.98
CA GLY A 16 -12.13 -18.09 13.35
C GLY A 16 -13.31 -17.40 14.01
N ASP A 17 -13.08 -16.24 14.62
CA ASP A 17 -14.14 -15.48 15.27
C ASP A 17 -14.96 -14.67 14.28
N GLN A 18 -15.95 -13.96 14.80
CA GLN A 18 -16.81 -13.13 13.97
C GLN A 18 -16.39 -11.67 14.11
N ALA A 19 -16.67 -10.85 13.11
CA ALA A 19 -16.33 -9.44 13.12
C ALA A 19 -17.57 -8.66 12.72
N SER A 20 -17.77 -7.49 13.34
CA SER A 20 -18.90 -6.62 13.04
C SER A 20 -18.42 -5.19 12.82
N ILE A 21 -18.63 -4.68 11.62
CA ILE A 21 -18.22 -3.32 11.27
C ILE A 21 -19.49 -2.52 11.12
N SER A 22 -19.57 -1.40 11.82
CA SER A 22 -20.74 -0.55 11.79
C SER A 22 -20.56 0.62 10.84
N CYS A 23 -21.67 1.08 10.27
CA CYS A 23 -21.67 2.20 9.36
C CYS A 23 -22.95 2.92 9.66
N ARG A 24 -22.88 4.24 9.73
CA ARG A 24 -24.05 5.03 10.06
C ARG A 24 -24.11 6.21 9.12
N SER A 25 -25.29 6.52 8.62
CA SER A 25 -25.46 7.64 7.70
C SER A 25 -26.07 8.86 8.38
N SER A 26 -25.65 10.05 7.92
CA SER A 26 -26.16 11.31 8.45
C SER A 26 -27.63 11.44 8.13
N GLN A 27 -28.03 10.82 7.02
CA GLN A 27 -29.41 10.83 6.55
C GLN A 27 -29.87 9.40 6.28
N SER A 28 -31.17 9.23 6.10
CA SER A 28 -31.74 7.94 5.81
C SER A 28 -31.30 7.59 4.40
N LEU A 29 -30.94 6.34 4.19
CA LEU A 29 -30.52 5.88 2.86
C LEU A 29 -31.66 5.26 2.07
N VAL A 30 -32.88 5.45 2.53
CA VAL A 30 -34.02 4.91 1.81
C VAL A 30 -34.44 5.87 0.71
N HIS A 31 -34.25 5.42 -0.53
CA HIS A 31 -34.58 6.20 -1.73
C HIS A 31 -36.10 6.25 -1.90
N SER A 32 -36.58 7.25 -2.62
CA SER A 32 -38.03 7.34 -2.86
C SER A 32 -38.50 6.13 -3.65
N ASN A 33 -37.62 5.55 -4.48
CA ASN A 33 -38.00 4.37 -5.25
C ASN A 33 -38.10 3.12 -4.38
N GLY A 34 -37.86 3.27 -3.07
CA GLY A 34 -37.96 2.14 -2.16
C GLY A 34 -36.69 1.40 -1.78
N ASN A 35 -35.69 1.47 -2.64
CA ASN A 35 -34.42 0.79 -2.38
C ASN A 35 -33.57 1.56 -1.39
N THR A 36 -32.59 0.88 -0.78
CA THR A 36 -31.65 1.50 0.15
C THR A 36 -30.30 1.13 -0.45
N TYR A 37 -29.66 2.11 -1.08
CA TYR A 37 -28.39 1.87 -1.71
C TYR A 37 -27.20 2.10 -0.79
N LEU A 38 -26.91 1.09 0.04
CA LEU A 38 -25.75 1.09 0.96
C LEU A 38 -24.92 -0.11 0.51
N HIS A 39 -23.63 0.11 0.32
CA HIS A 39 -22.72 -0.92 -0.18
C HIS A 39 -21.51 -1.03 0.72
N TRP A 40 -20.78 -2.13 0.55
CA TRP A 40 -19.57 -2.45 1.32
C TRP A 40 -18.45 -2.90 0.38
N TYR A 41 -17.29 -2.26 0.51
CA TYR A 41 -16.12 -2.59 -0.29
C TYR A 41 -15.00 -3.04 0.63
N LEU A 42 -14.12 -3.90 0.12
CA LEU A 42 -12.96 -4.37 0.88
C LEU A 42 -11.76 -3.92 0.06
N GLN A 43 -10.87 -3.16 0.67
CA GLN A 43 -9.69 -2.70 -0.03
C GLN A 43 -8.41 -3.28 0.57
N LYS A 44 -7.70 -4.01 -0.27
CA LYS A 44 -6.45 -4.62 0.14
C LYS A 44 -5.35 -3.72 -0.37
N PRO A 45 -4.31 -3.54 0.46
CA PRO A 45 -3.13 -2.71 0.19
C PRO A 45 -2.66 -2.76 -1.25
N GLY A 46 -2.49 -1.57 -1.83
CA GLY A 46 -2.06 -1.46 -3.20
C GLY A 46 -3.07 -2.00 -4.20
N GLN A 47 -4.32 -2.19 -3.77
CA GLN A 47 -5.36 -2.70 -4.67
C GLN A 47 -6.57 -1.78 -4.73
N SER A 48 -7.29 -1.81 -5.85
CA SER A 48 -8.49 -1.01 -5.95
C SER A 48 -9.54 -1.68 -5.06
N PRO A 49 -10.58 -0.94 -4.64
CA PRO A 49 -11.56 -1.60 -3.80
C PRO A 49 -12.32 -2.65 -4.60
N LYS A 50 -12.85 -3.65 -3.90
CA LYS A 50 -13.65 -4.72 -4.51
C LYS A 50 -14.96 -4.79 -3.72
N LEU A 51 -16.07 -4.87 -4.42
CA LEU A 51 -17.37 -4.92 -3.77
C LEU A 51 -17.62 -6.26 -3.11
N LEU A 52 -18.16 -6.21 -1.90
CA LEU A 52 -18.52 -7.40 -1.13
C LEU A 52 -20.05 -7.56 -1.15
N ILE A 53 -20.75 -6.55 -0.63
CA ILE A 53 -22.21 -6.49 -0.48
C ILE A 53 -22.86 -5.22 -1.07
N TYR A 54 -23.77 -5.34 -2.00
CA TYR A 54 -24.47 -4.17 -2.52
C TYR A 54 -25.91 -4.20 -2.02
N LYS A 55 -26.52 -3.02 -1.94
CA LYS A 55 -27.89 -2.89 -1.49
C LYS A 55 -28.17 -3.64 -0.22
N VAL A 56 -27.35 -3.34 0.78
CA VAL A 56 -27.47 -3.87 2.13
C VAL A 56 -27.12 -5.33 2.41
N SER A 57 -27.60 -6.28 1.61
CA SER A 57 -27.34 -7.70 1.89
C SER A 57 -27.12 -8.64 0.72
N ASN A 58 -27.07 -8.08 -0.47
CA ASN A 58 -26.88 -8.92 -1.63
C ASN A 58 -25.39 -9.07 -1.85
N ARG A 59 -24.92 -10.30 -2.03
CA ARG A 59 -23.51 -10.56 -2.28
C ARG A 59 -23.10 -10.45 -3.74
N PHE A 60 -21.94 -9.86 -3.96
CA PHE A 60 -21.41 -9.71 -5.30
C PHE A 60 -20.90 -11.11 -5.71
N SER A 61 -20.56 -11.29 -6.98
CA SER A 61 -20.07 -12.58 -7.48
C SER A 61 -18.85 -13.21 -6.83
N GLY A 62 -19.04 -14.41 -6.30
CA GLY A 62 -17.94 -15.13 -5.69
C GLY A 62 -17.71 -14.86 -4.24
N VAL A 63 -18.41 -13.89 -3.66
CA VAL A 63 -18.25 -13.57 -2.25
C VAL A 63 -18.93 -14.65 -1.43
N PRO A 64 -18.24 -15.20 -0.42
CA PRO A 64 -18.72 -16.26 0.48
C PRO A 64 -19.80 -15.78 1.43
N ASP A 65 -20.63 -16.71 1.90
CA ASP A 65 -21.69 -16.38 2.83
C ASP A 65 -21.16 -16.06 4.22
N ARG A 66 -19.83 -16.06 4.37
CA ARG A 66 -19.22 -15.66 5.65
C ARG A 66 -19.70 -14.21 5.86
N PHE A 67 -19.69 -13.46 4.74
CA PHE A 67 -20.08 -12.06 4.67
C PHE A 67 -21.59 -11.84 4.60
N SER A 68 -22.12 -11.07 5.53
CA SER A 68 -23.54 -10.76 5.51
C SER A 68 -23.71 -9.28 5.85
N GLY A 69 -24.60 -8.61 5.12
CA GLY A 69 -24.82 -7.22 5.37
C GLY A 69 -26.22 -7.06 5.91
N SER A 70 -26.39 -6.14 6.84
CA SER A 70 -27.70 -5.90 7.42
C SER A 70 -27.86 -4.44 7.76
N GLY A 71 -29.02 -4.07 8.25
CA GLY A 71 -29.26 -2.69 8.62
C GLY A 71 -30.53 -2.11 8.05
N SER A 72 -30.76 -0.83 8.33
CA SER A 72 -31.96 -0.17 7.87
C SER A 72 -31.91 1.33 8.15
N GLY A 73 -32.42 2.12 7.21
CA GLY A 73 -32.45 3.56 7.37
C GLY A 73 -31.12 4.26 7.45
N THR A 74 -30.54 4.29 8.64
CA THR A 74 -29.26 4.93 8.87
C THR A 74 -28.26 3.99 9.52
N ASP A 75 -28.72 2.85 10.02
CA ASP A 75 -27.85 1.89 10.72
C ASP A 75 -27.56 0.66 9.90
N PHE A 76 -26.29 0.40 9.64
CA PHE A 76 -25.92 -0.76 8.85
C PHE A 76 -24.72 -1.50 9.44
N THR A 77 -24.77 -2.83 9.35
CA THR A 77 -23.73 -3.70 9.89
C THR A 77 -23.23 -4.73 8.89
N LEU A 78 -21.91 -4.81 8.77
CA LEU A 78 -21.23 -5.80 7.93
C LEU A 78 -20.69 -6.82 8.91
N LYS A 79 -20.97 -8.10 8.68
CA LYS A 79 -20.47 -9.14 9.57
C LYS A 79 -19.71 -10.18 8.81
N ILE A 80 -18.63 -10.65 9.43
CA ILE A 80 -17.82 -11.70 8.86
C ILE A 80 -17.96 -12.78 9.94
N SER A 81 -18.51 -13.94 9.59
CA SER A 81 -18.71 -15.01 10.58
C SER A 81 -17.45 -15.79 10.96
N ARG A 82 -16.53 -15.96 10.02
CA ARG A 82 -15.29 -16.69 10.31
C ARG A 82 -14.09 -15.95 9.78
N VAL A 83 -13.58 -15.01 10.57
CA VAL A 83 -12.42 -14.22 10.17
C VAL A 83 -11.30 -15.14 9.76
N GLU A 84 -10.82 -14.92 8.54
CA GLU A 84 -9.77 -15.70 7.95
C GLU A 84 -8.56 -14.80 7.73
N ALA A 85 -7.36 -15.34 7.92
CA ALA A 85 -6.12 -14.57 7.79
C ALA A 85 -6.06 -13.59 6.62
N GLU A 86 -6.48 -14.02 5.43
CA GLU A 86 -6.45 -13.13 4.28
C GLU A 86 -7.71 -12.26 4.12
N ASP A 87 -8.39 -11.98 5.24
CA ASP A 87 -9.58 -11.14 5.24
C ASP A 87 -9.15 -9.73 5.61
N LEU A 88 -7.96 -9.58 6.14
CA LEU A 88 -7.47 -8.28 6.56
C LEU A 88 -7.42 -7.23 5.46
N GLY A 89 -7.61 -5.98 5.85
CA GLY A 89 -7.59 -4.88 4.91
C GLY A 89 -8.52 -3.80 5.45
N VAL A 90 -9.00 -2.92 4.58
CA VAL A 90 -9.90 -1.86 5.03
C VAL A 90 -11.29 -2.00 4.42
N TYR A 91 -12.29 -2.06 5.28
CA TYR A 91 -13.68 -2.19 4.83
C TYR A 91 -14.36 -0.83 4.75
N PHE A 92 -14.92 -0.50 3.61
CA PHE A 92 -15.58 0.80 3.43
C PHE A 92 -17.05 0.59 3.16
N CYS A 93 -17.91 1.43 3.72
CA CYS A 93 -19.32 1.36 3.39
C CYS A 93 -19.49 2.59 2.53
N SER A 94 -20.30 2.48 1.48
CA SER A 94 -20.52 3.57 0.58
C SER A 94 -22.02 3.70 0.41
N GLN A 95 -22.50 4.83 -0.07
CA GLN A 95 -23.93 5.00 -0.27
C GLN A 95 -24.15 5.74 -1.57
N SER A 96 -25.17 5.35 -2.31
CA SER A 96 -25.46 6.03 -3.56
C SER A 96 -26.94 6.39 -3.65
N THR A 97 -27.61 6.54 -2.50
CA THR A 97 -29.03 6.91 -2.52
C THR A 97 -29.09 8.35 -2.93
N HIS A 98 -28.25 9.15 -2.25
CA HIS A 98 -28.14 10.58 -2.45
C HIS A 98 -26.92 10.94 -3.26
N VAL A 99 -27.06 11.96 -4.09
CA VAL A 99 -25.98 12.49 -4.93
C VAL A 99 -25.37 13.65 -4.14
N PRO A 100 -24.02 13.68 -4.02
CA PRO A 100 -23.03 12.76 -4.57
C PRO A 100 -22.83 11.46 -3.76
N ARG A 101 -22.38 10.42 -4.44
CA ARG A 101 -22.09 9.15 -3.81
C ARG A 101 -20.99 9.41 -2.81
N THR A 102 -21.09 8.87 -1.60
CA THR A 102 -20.04 9.08 -0.59
C THR A 102 -19.60 7.79 0.07
N PHE A 103 -18.42 7.81 0.69
CA PHE A 103 -17.85 6.64 1.36
C PHE A 103 -17.54 6.92 2.82
N GLY A 104 -17.42 5.86 3.60
CA GLY A 104 -17.08 5.98 5.00
C GLY A 104 -15.55 6.10 5.03
N GLY A 105 -14.97 6.26 6.21
CA GLY A 105 -13.52 6.40 6.32
C GLY A 105 -12.74 5.11 6.19
N GLY A 106 -13.38 4.01 6.57
CA GLY A 106 -12.76 2.71 6.50
C GLY A 106 -12.52 2.16 7.88
N THR A 107 -12.61 0.85 8.02
CA THR A 107 -12.35 0.16 9.28
C THR A 107 -11.27 -0.84 8.91
N LYS A 108 -10.17 -0.84 9.66
CA LYS A 108 -9.07 -1.75 9.41
C LYS A 108 -9.21 -3.01 10.24
N LEU A 109 -9.21 -4.14 9.56
CA LEU A 109 -9.31 -5.40 10.24
C LEU A 109 -7.88 -5.80 10.60
N GLU A 110 -7.67 -6.11 11.86
CA GLU A 110 -6.38 -6.54 12.34
C GLU A 110 -6.62 -7.87 13.00
N ILE A 111 -5.74 -8.82 12.71
CA ILE A 111 -5.86 -10.17 13.26
C ILE A 111 -5.09 -10.30 14.57
N LYS A 112 -5.70 -10.94 15.55
CA LYS A 112 -5.03 -11.16 16.82
C LYS A 112 -4.48 -12.57 16.72
N ARG A 113 -3.16 -12.70 16.84
CA ARG A 113 -2.50 -14.00 16.78
C ARG A 113 -1.56 -14.10 17.96
N ALA A 114 -0.86 -15.22 18.06
CA ALA A 114 0.06 -15.46 19.17
C ALA A 114 1.33 -14.69 19.04
N ASP A 115 1.96 -14.43 20.17
CA ASP A 115 3.21 -13.71 20.22
C ASP A 115 4.27 -14.41 19.39
N ALA A 116 5.12 -13.60 18.78
CA ALA A 116 6.20 -14.08 17.94
C ALA A 116 7.34 -13.10 18.09
N ALA A 117 8.52 -13.61 18.41
CA ALA A 117 9.68 -12.77 18.56
C ALA A 117 10.18 -12.47 17.16
N PRO A 118 10.70 -11.26 16.95
CA PRO A 118 11.20 -10.88 15.62
C PRO A 118 12.54 -11.55 15.30
N THR A 119 12.83 -11.77 14.03
CA THR A 119 14.13 -12.33 13.67
C THR A 119 14.91 -11.07 13.24
N VAL A 120 16.09 -10.87 13.81
CA VAL A 120 16.88 -9.70 13.46
C VAL A 120 18.05 -10.04 12.57
N SER A 121 18.26 -9.21 11.57
CA SER A 121 19.36 -9.37 10.64
C SER A 121 19.92 -7.98 10.49
N ILE A 122 21.24 -7.89 10.50
CA ILE A 122 21.92 -6.60 10.36
C ILE A 122 22.84 -6.78 9.15
N PHE A 123 23.00 -5.74 8.34
CA PHE A 123 23.80 -5.82 7.14
C PHE A 123 24.76 -4.67 7.08
N PRO A 124 26.03 -4.94 6.78
CA PRO A 124 27.05 -3.92 6.68
C PRO A 124 26.89 -3.23 5.33
N PRO A 125 27.35 -1.98 5.19
CA PRO A 125 27.19 -1.34 3.87
C PRO A 125 27.98 -2.07 2.80
N SER A 126 27.42 -2.15 1.60
CA SER A 126 28.07 -2.83 0.49
C SER A 126 29.22 -2.02 -0.03
N SER A 127 30.16 -2.69 -0.67
CA SER A 127 31.32 -2.04 -1.26
C SER A 127 30.91 -0.96 -2.26
N GLU A 128 29.89 -1.24 -3.04
CA GLU A 128 29.37 -0.35 -4.06
C GLU A 128 28.85 0.97 -3.52
N GLN A 129 28.28 0.93 -2.32
CA GLN A 129 27.77 2.15 -1.72
C GLN A 129 28.93 2.88 -1.07
N LEU A 130 29.78 2.12 -0.39
CA LEU A 130 30.96 2.69 0.27
C LEU A 130 31.77 3.47 -0.78
N THR A 131 31.80 2.90 -1.99
CA THR A 131 32.48 3.50 -3.12
C THR A 131 31.88 4.88 -3.42
N SER A 132 30.56 5.00 -3.41
CA SER A 132 29.93 6.29 -3.68
C SER A 132 30.09 7.29 -2.54
N GLY A 133 30.77 6.89 -1.45
CA GLY A 133 30.95 7.79 -0.32
C GLY A 133 29.88 7.77 0.76
N GLY A 134 28.86 6.94 0.60
CA GLY A 134 27.81 6.86 1.61
C GLY A 134 27.88 5.52 2.30
N ALA A 135 27.20 5.38 3.43
CA ALA A 135 27.20 4.12 4.14
C ALA A 135 25.91 3.96 4.94
N SER A 136 25.00 3.13 4.45
CA SER A 136 23.73 2.86 5.12
C SER A 136 23.89 1.48 5.70
N VAL A 137 23.70 1.37 7.00
CA VAL A 137 23.78 0.06 7.64
C VAL A 137 22.32 -0.26 7.96
N VAL A 138 21.90 -1.45 7.55
CA VAL A 138 20.50 -1.88 7.67
C VAL A 138 20.22 -2.96 8.69
N CYS A 139 19.01 -2.95 9.22
CA CYS A 139 18.57 -3.94 10.18
C CYS A 139 17.13 -4.34 9.87
N PHE A 140 16.89 -5.63 9.66
CA PHE A 140 15.55 -6.14 9.38
C PHE A 140 15.08 -6.87 10.63
N LEU A 141 13.88 -6.54 11.08
CA LEU A 141 13.28 -7.18 12.26
C LEU A 141 12.01 -7.81 11.69
N ASN A 142 12.11 -9.07 11.28
CA ASN A 142 10.99 -9.76 10.63
C ASN A 142 10.12 -10.72 11.42
N ASN A 143 8.86 -10.73 11.00
CA ASN A 143 7.81 -11.57 11.53
C ASN A 143 7.60 -11.57 13.02
N PHE A 144 7.21 -10.41 13.58
CA PHE A 144 6.94 -10.36 14.99
C PHE A 144 5.49 -10.03 15.27
N TYR A 145 5.09 -10.16 16.52
CA TYR A 145 3.74 -9.85 16.95
C TYR A 145 3.72 -9.78 18.46
N PRO A 146 3.09 -8.74 19.04
CA PRO A 146 2.37 -7.59 18.49
C PRO A 146 3.30 -6.61 17.80
N LYS A 147 2.72 -5.65 17.08
CA LYS A 147 3.50 -4.66 16.32
C LYS A 147 4.32 -3.69 17.12
N ASP A 148 4.07 -3.60 18.43
CA ASP A 148 4.83 -2.69 19.26
C ASP A 148 6.27 -3.17 19.46
N ILE A 149 7.22 -2.42 18.92
CA ILE A 149 8.63 -2.76 19.03
C ILE A 149 9.47 -1.48 19.06
N ASN A 150 10.62 -1.56 19.72
CA ASN A 150 11.50 -0.42 19.81
C ASN A 150 12.86 -0.83 19.25
N VAL A 151 13.41 -0.01 18.36
CA VAL A 151 14.70 -0.30 17.76
C VAL A 151 15.70 0.78 18.20
N LYS A 152 16.94 0.37 18.47
CA LYS A 152 17.96 1.29 18.91
C LYS A 152 19.29 0.98 18.23
N TRP A 153 19.98 2.01 17.76
CA TRP A 153 21.28 1.83 17.12
C TRP A 153 22.39 2.27 18.07
N LYS A 154 23.48 1.52 18.06
CA LYS A 154 24.59 1.82 18.92
C LYS A 154 25.89 1.71 18.13
N ILE A 155 26.75 2.70 18.27
CA ILE A 155 28.02 2.68 17.56
C ILE A 155 29.11 2.66 18.62
N ASP A 156 29.76 1.50 18.76
CA ASP A 156 30.80 1.29 19.75
C ASP A 156 30.21 1.57 21.13
N GLY A 157 28.96 1.18 21.32
CA GLY A 157 28.33 1.38 22.59
C GLY A 157 27.58 2.69 22.78
N LYS A 158 27.78 3.64 21.90
CA LYS A 158 27.10 4.93 22.03
C LYS A 158 25.83 4.89 21.18
N GLU A 159 24.70 5.25 21.79
CA GLU A 159 23.42 5.24 21.09
C GLU A 159 23.35 6.32 20.02
N ARG A 160 22.84 5.97 18.85
CA ARG A 160 22.73 6.91 17.75
C ARG A 160 21.27 7.25 17.52
N GLN A 161 20.95 8.53 17.69
CA GLN A 161 19.59 9.03 17.51
C GLN A 161 19.38 9.51 16.08
N ASN A 162 20.24 10.41 15.63
CA ASN A 162 20.10 10.98 14.31
C ASN A 162 20.46 10.13 13.11
N GLY A 163 19.86 10.46 11.99
CA GLY A 163 20.15 9.77 10.76
C GLY A 163 19.59 8.38 10.61
N VAL A 164 18.54 8.04 11.35
CA VAL A 164 17.96 6.71 11.21
C VAL A 164 16.50 6.75 10.69
N LEU A 165 16.20 5.86 9.74
CA LEU A 165 14.87 5.78 9.14
C LEU A 165 14.26 4.43 9.45
N ASN A 166 12.99 4.43 9.85
CA ASN A 166 12.28 3.19 10.15
C ASN A 166 11.04 3.06 9.28
N SER A 167 10.78 1.85 8.80
CA SER A 167 9.62 1.55 7.99
C SER A 167 9.14 0.19 8.41
N TRP A 168 7.84 0.06 8.61
CA TRP A 168 7.22 -1.20 9.00
C TRP A 168 6.20 -1.58 7.95
N THR A 169 6.04 -2.86 7.71
CA THR A 169 5.07 -3.34 6.75
C THR A 169 3.75 -3.45 7.52
N ASP A 170 2.63 -3.57 6.83
CA ASP A 170 1.36 -3.73 7.56
C ASP A 170 1.27 -5.23 7.86
N GLN A 171 0.27 -5.64 8.63
CA GLN A 171 0.12 -7.05 8.98
C GLN A 171 0.13 -7.93 7.75
N ASN A 172 0.94 -8.97 7.81
CA ASN A 172 1.07 -9.91 6.71
C ASN A 172 -0.12 -10.86 6.69
N SER A 173 -0.77 -10.96 5.54
CA SER A 173 -1.94 -11.81 5.38
C SER A 173 -1.65 -13.29 5.48
N LYS A 174 -0.42 -13.68 5.23
CA LYS A 174 -0.07 -15.08 5.31
C LYS A 174 0.06 -15.59 6.72
N ASP A 175 0.77 -14.86 7.58
CA ASP A 175 0.97 -15.31 8.96
C ASP A 175 0.62 -14.29 10.05
N SER A 176 -0.03 -13.20 9.66
CA SER A 176 -0.47 -12.18 10.60
C SER A 176 0.60 -11.53 11.45
N THR A 177 1.82 -11.47 10.93
CA THR A 177 2.91 -10.84 11.65
C THR A 177 3.30 -9.54 10.97
N TYR A 178 4.11 -8.75 11.66
CA TYR A 178 4.59 -7.47 11.15
C TYR A 178 6.10 -7.57 10.94
N SER A 179 6.65 -6.61 10.20
CA SER A 179 8.09 -6.55 9.95
C SER A 179 8.48 -5.07 9.96
N MET A 180 9.77 -4.82 10.06
CA MET A 180 10.24 -3.45 10.09
C MET A 180 11.69 -3.41 9.66
N SER A 181 12.09 -2.28 9.09
CA SER A 181 13.46 -2.08 8.68
C SER A 181 13.88 -0.77 9.29
N SER A 182 15.10 -0.74 9.83
CA SER A 182 15.64 0.46 10.43
C SER A 182 16.95 0.62 9.71
N THR A 183 17.19 1.80 9.16
CA THR A 183 18.40 2.08 8.40
C THR A 183 19.14 3.25 9.01
N LEU A 184 20.43 3.08 9.27
CA LEU A 184 21.28 4.13 9.82
C LEU A 184 22.18 4.59 8.68
N THR A 185 22.06 5.83 8.24
CA THR A 185 22.89 6.33 7.14
C THR A 185 24.04 7.19 7.67
N LEU A 186 25.24 6.94 7.17
CA LEU A 186 26.46 7.64 7.57
C LEU A 186 27.25 7.96 6.29
N THR A 187 28.39 8.62 6.46
CA THR A 187 29.29 8.94 5.34
C THR A 187 30.29 7.81 5.41
N LYS A 188 31.00 7.56 4.33
CA LYS A 188 32.01 6.52 4.35
C LYS A 188 33.08 6.81 5.45
N ASP A 189 33.27 8.10 5.76
CA ASP A 189 34.25 8.53 6.78
C ASP A 189 33.85 8.21 8.22
N GLU A 190 32.63 8.61 8.58
CA GLU A 190 32.09 8.33 9.89
C GLU A 190 32.10 6.82 10.10
N TYR A 191 31.57 6.08 9.13
CA TYR A 191 31.50 4.63 9.23
C TYR A 191 32.88 4.02 9.45
N GLU A 192 33.89 4.53 8.76
CA GLU A 192 35.22 3.97 8.92
C GLU A 192 35.98 4.33 10.17
N ARG A 193 35.45 5.25 10.98
CA ARG A 193 36.10 5.62 12.23
C ARG A 193 35.73 4.66 13.34
N HIS A 194 34.65 3.90 13.16
CA HIS A 194 34.19 3.02 14.22
C HIS A 194 34.30 1.53 13.97
N ASN A 195 34.12 0.74 15.01
CA ASN A 195 34.26 -0.70 14.89
C ASN A 195 32.99 -1.51 14.86
N SER A 196 32.27 -1.61 15.98
CA SER A 196 31.05 -2.41 15.95
C SER A 196 29.74 -1.64 15.84
N TYR A 197 28.84 -2.15 15.01
CA TYR A 197 27.54 -1.53 14.82
C TYR A 197 26.49 -2.47 15.35
N THR A 198 25.67 -1.95 16.26
CA THR A 198 24.62 -2.69 16.95
C THR A 198 23.18 -2.27 16.68
N CYS A 199 22.33 -3.27 16.46
CA CYS A 199 20.91 -3.08 16.22
C CYS A 199 20.26 -3.79 17.38
N GLU A 200 19.55 -3.04 18.18
CA GLU A 200 18.96 -3.56 19.40
C GLU A 200 17.47 -3.31 19.48
N ALA A 201 16.70 -4.38 19.64
CA ALA A 201 15.26 -4.21 19.72
C ALA A 201 14.70 -4.73 21.01
N THR A 202 13.70 -4.04 21.51
CA THR A 202 13.05 -4.50 22.71
C THR A 202 11.61 -4.79 22.30
N HIS A 203 11.14 -5.97 22.68
CA HIS A 203 9.81 -6.45 22.35
C HIS A 203 9.33 -7.21 23.57
N LYS A 204 8.01 -7.25 23.78
CA LYS A 204 7.46 -7.93 24.93
C LYS A 204 7.72 -9.44 25.00
N THR A 205 8.12 -10.05 23.90
CA THR A 205 8.39 -11.49 23.91
C THR A 205 9.84 -11.74 24.34
N SER A 206 10.52 -10.68 24.76
CA SER A 206 11.92 -10.79 25.15
C SER A 206 12.33 -10.57 26.59
N THR A 207 12.02 -9.40 27.15
CA THR A 207 12.41 -9.00 28.53
C THR A 207 13.83 -8.44 28.42
N SER A 208 14.70 -9.19 27.76
CA SER A 208 16.07 -8.79 27.52
C SER A 208 16.05 -8.41 26.04
N PRO A 209 16.59 -7.25 25.65
CA PRO A 209 16.61 -6.79 24.26
C PRO A 209 17.33 -7.70 23.29
N ILE A 210 16.78 -7.78 22.09
CA ILE A 210 17.38 -8.56 21.03
C ILE A 210 18.49 -7.68 20.51
N VAL A 211 19.67 -8.25 20.35
CA VAL A 211 20.82 -7.51 19.87
C VAL A 211 21.43 -8.27 18.68
N LYS A 212 21.92 -7.52 17.70
CA LYS A 212 22.59 -8.10 16.54
C LYS A 212 23.64 -7.07 16.14
N SER A 213 24.89 -7.46 16.09
CA SER A 213 25.94 -6.54 15.71
C SER A 213 27.01 -7.20 14.89
N PHE A 214 27.75 -6.37 14.16
CA PHE A 214 28.87 -6.85 13.38
C PHE A 214 29.97 -5.91 13.76
N ASN A 215 31.16 -6.45 13.98
CA ASN A 215 32.28 -5.58 14.27
C ASN A 215 32.89 -5.39 12.90
N ARG A 216 33.44 -4.21 12.65
CA ARG A 216 33.99 -3.93 11.34
C ARG A 216 35.51 -4.20 11.31
N VAL B 2 -14.70 -8.20 -17.96
CA VAL B 2 -14.71 -6.71 -18.10
C VAL B 2 -13.46 -6.17 -17.44
N GLN B 3 -12.69 -5.38 -18.17
CA GLN B 3 -11.47 -4.80 -17.63
C GLN B 3 -11.45 -3.31 -17.94
N LEU B 4 -11.02 -2.53 -16.96
CA LEU B 4 -10.90 -1.09 -17.13
C LEU B 4 -9.45 -0.79 -16.80
N GLN B 5 -8.66 -0.56 -17.85
CA GLN B 5 -7.23 -0.27 -17.66
C GLN B 5 -6.87 1.20 -17.73
N GLN B 6 -6.04 1.63 -16.80
CA GLN B 6 -5.61 3.01 -16.71
C GLN B 6 -4.09 3.07 -16.78
N SER B 7 -3.57 4.29 -16.78
CA SER B 7 -2.13 4.51 -16.79
C SER B 7 -1.70 4.32 -15.33
N GLY B 8 -0.54 3.72 -15.11
CA GLY B 8 -0.09 3.51 -13.75
C GLY B 8 0.25 4.77 -12.97
N ALA B 9 0.98 5.69 -13.58
CA ALA B 9 1.37 6.91 -12.88
C ALA B 9 1.57 8.08 -13.83
N GLU B 10 1.64 9.27 -13.25
CA GLU B 10 1.82 10.49 -13.99
C GLU B 10 2.44 11.50 -13.05
N LEU B 11 3.45 12.21 -13.53
CA LEU B 11 4.14 13.25 -12.75
C LEU B 11 3.85 14.54 -13.50
N VAL B 12 3.39 15.57 -12.79
CA VAL B 12 3.11 16.86 -13.42
C VAL B 12 3.47 17.98 -12.46
N LYS B 13 3.87 19.11 -13.03
CA LYS B 13 4.27 20.26 -12.24
C LYS B 13 3.04 21.04 -11.86
N PRO B 14 3.08 21.69 -10.70
CA PRO B 14 1.93 22.49 -10.27
C PRO B 14 1.55 23.50 -11.35
N GLY B 15 0.29 23.91 -11.34
CA GLY B 15 -0.18 24.86 -12.34
C GLY B 15 -0.47 24.25 -13.69
N ALA B 16 -0.03 23.01 -13.92
CA ALA B 16 -0.30 22.37 -15.19
C ALA B 16 -1.64 21.64 -15.19
N SER B 17 -1.96 20.98 -16.30
CA SER B 17 -3.21 20.23 -16.46
C SER B 17 -2.87 18.86 -17.06
N VAL B 18 -3.64 17.83 -16.71
CA VAL B 18 -3.37 16.48 -17.21
C VAL B 18 -4.63 15.68 -17.58
N LYS B 19 -4.49 14.82 -18.59
CA LYS B 19 -5.58 13.97 -19.07
C LYS B 19 -5.31 12.51 -18.72
N LEU B 20 -6.19 11.90 -17.94
CA LEU B 20 -6.03 10.50 -17.55
C LEU B 20 -7.03 9.66 -18.35
N SER B 21 -6.57 8.54 -18.92
CA SER B 21 -7.45 7.70 -19.70
C SER B 21 -7.95 6.47 -18.94
N CYS B 22 -9.02 5.88 -19.46
CA CYS B 22 -9.67 4.68 -18.91
C CYS B 22 -10.23 3.91 -20.09
N LYS B 23 -9.48 2.95 -20.59
CA LYS B 23 -9.91 2.15 -21.73
C LYS B 23 -10.74 0.97 -21.29
N ALA B 24 -12.04 1.05 -21.57
CA ALA B 24 -12.98 0.01 -21.21
C ALA B 24 -13.01 -1.17 -22.17
N SER B 25 -13.08 -2.36 -21.59
CA SER B 25 -13.13 -3.59 -22.37
C SER B 25 -13.96 -4.65 -21.68
N GLY B 26 -14.44 -5.61 -22.47
CA GLY B 26 -15.23 -6.69 -21.92
C GLY B 26 -16.72 -6.42 -21.78
N TYR B 27 -17.22 -5.33 -22.37
CA TYR B 27 -18.64 -5.01 -22.30
C TYR B 27 -19.01 -3.87 -23.24
N THR B 28 -20.28 -3.48 -23.20
CA THR B 28 -20.84 -2.40 -24.02
C THR B 28 -20.66 -1.06 -23.33
N PHE B 29 -19.58 -0.37 -23.69
CA PHE B 29 -19.24 0.94 -23.15
C PHE B 29 -20.50 1.80 -23.05
N THR B 30 -21.21 1.85 -24.17
CA THR B 30 -22.43 2.63 -24.31
C THR B 30 -23.60 2.31 -23.33
N SER B 31 -23.33 1.49 -22.32
CA SER B 31 -24.37 1.13 -21.36
C SER B 31 -24.13 1.76 -19.99
N TYR B 32 -23.18 1.20 -19.25
CA TYR B 32 -22.86 1.66 -17.92
C TYR B 32 -22.19 3.02 -17.90
N TRP B 33 -22.56 3.84 -16.91
CA TRP B 33 -21.99 5.17 -16.75
C TRP B 33 -20.56 5.05 -16.19
N MET B 34 -19.64 5.81 -16.76
CA MET B 34 -18.25 5.78 -16.30
C MET B 34 -18.07 6.75 -15.12
N GLN B 35 -17.64 6.23 -13.99
CA GLN B 35 -17.43 7.00 -12.77
C GLN B 35 -15.95 7.27 -12.56
N TRP B 36 -15.65 8.24 -11.70
CA TRP B 36 -14.26 8.58 -11.34
C TRP B 36 -14.25 8.82 -9.85
N VAL B 37 -13.28 8.23 -9.16
CA VAL B 37 -13.15 8.36 -7.72
C VAL B 37 -11.70 8.78 -7.44
N LYS B 38 -11.46 9.45 -6.33
CA LYS B 38 -10.12 9.87 -5.98
C LYS B 38 -9.81 9.35 -4.60
N GLN B 39 -8.59 8.87 -4.40
CA GLN B 39 -8.22 8.37 -3.08
C GLN B 39 -6.83 8.86 -2.76
N ARG B 40 -6.69 9.43 -1.56
CA ARG B 40 -5.40 9.91 -1.13
C ARG B 40 -4.92 8.96 -0.05
N PRO B 41 -3.63 8.60 -0.08
CA PRO B 41 -2.91 7.71 0.84
C PRO B 41 -3.66 7.42 2.13
N GLY B 42 -3.93 8.48 2.89
CA GLY B 42 -4.69 8.34 4.12
C GLY B 42 -6.10 8.04 3.66
N GLN B 43 -6.34 6.75 3.41
CA GLN B 43 -7.61 6.21 2.93
C GLN B 43 -8.88 7.01 3.21
N GLY B 44 -9.55 7.37 2.13
CA GLY B 44 -10.78 8.12 2.20
C GLY B 44 -11.05 8.39 0.74
N LEU B 45 -12.18 7.88 0.24
CA LEU B 45 -12.50 8.06 -1.16
C LEU B 45 -13.49 9.17 -1.41
N GLU B 46 -13.21 10.02 -2.38
CA GLU B 46 -14.10 11.12 -2.75
C GLU B 46 -14.62 10.87 -4.15
N TRP B 47 -15.91 11.10 -4.36
CA TRP B 47 -16.50 10.89 -5.66
C TRP B 47 -16.30 12.16 -6.50
N ILE B 48 -16.02 11.99 -7.78
CA ILE B 48 -15.79 13.09 -8.68
C ILE B 48 -16.93 13.28 -9.68
N GLY B 49 -17.22 12.27 -10.49
CA GLY B 49 -18.30 12.43 -11.43
C GLY B 49 -18.56 11.26 -12.36
N GLU B 50 -19.49 11.44 -13.30
CA GLU B 50 -19.86 10.39 -14.23
C GLU B 50 -20.19 10.89 -15.64
N ILE B 51 -20.07 10.01 -16.61
CA ILE B 51 -20.38 10.36 -17.98
C ILE B 51 -21.03 9.18 -18.68
N ASP B 52 -22.07 9.46 -19.45
CA ASP B 52 -22.81 8.45 -20.18
C ASP B 52 -22.23 8.28 -21.58
N PRO B 53 -21.46 7.20 -21.81
CA PRO B 53 -20.84 6.94 -23.12
C PRO B 53 -21.79 7.06 -24.32
N SER B 54 -23.08 6.78 -24.11
CA SER B 54 -24.07 6.85 -25.19
C SER B 54 -24.62 8.26 -25.45
N ASP B 55 -24.34 9.20 -24.54
CA ASP B 55 -24.83 10.55 -24.66
C ASP B 55 -23.72 11.58 -24.61
N SER B 56 -22.92 11.41 -23.56
CA SER B 56 -21.79 12.25 -23.15
C SER B 56 -22.38 13.15 -22.07
N TYR B 57 -23.57 12.75 -21.59
CA TYR B 57 -24.27 13.47 -20.52
C TYR B 57 -23.34 13.28 -19.34
N THR B 58 -23.17 14.32 -18.54
CA THR B 58 -22.24 14.22 -17.43
C THR B 58 -22.79 14.81 -16.12
N ASN B 59 -22.27 14.29 -15.01
CA ASN B 59 -22.68 14.70 -13.66
C ASN B 59 -21.43 14.85 -12.81
N TYR B 60 -21.22 16.04 -12.24
CA TYR B 60 -20.03 16.29 -11.42
C TYR B 60 -20.37 16.55 -9.98
N ASN B 61 -19.43 16.24 -9.11
CA ASN B 61 -19.58 16.50 -7.68
C ASN B 61 -19.18 17.96 -7.61
N GLN B 62 -19.87 18.71 -6.75
CA GLN B 62 -19.63 20.14 -6.59
C GLN B 62 -18.15 20.51 -6.39
N LYS B 63 -17.48 19.85 -5.46
CA LYS B 63 -16.09 20.16 -5.16
C LYS B 63 -15.14 20.06 -6.36
N PHE B 64 -15.54 19.31 -7.38
CA PHE B 64 -14.69 19.12 -8.54
C PHE B 64 -15.31 19.75 -9.79
N LYS B 65 -16.24 20.67 -9.55
CA LYS B 65 -16.97 21.36 -10.61
C LYS B 65 -16.12 21.82 -11.79
N GLY B 66 -15.08 22.60 -11.49
CA GLY B 66 -14.21 23.11 -12.53
C GLY B 66 -12.81 22.50 -12.49
N LYS B 67 -12.68 21.39 -11.77
CA LYS B 67 -11.42 20.69 -11.64
C LYS B 67 -11.37 19.59 -12.70
N ALA B 68 -12.39 18.75 -12.69
CA ALA B 68 -12.46 17.65 -13.62
C ALA B 68 -13.35 18.00 -14.79
N THR B 69 -13.09 17.34 -15.92
CA THR B 69 -13.87 17.54 -17.12
C THR B 69 -13.81 16.23 -17.93
N LEU B 70 -14.88 15.45 -17.82
CA LEU B 70 -15.01 14.16 -18.48
C LEU B 70 -15.45 14.20 -19.94
N THR B 71 -14.97 13.22 -20.70
CA THR B 71 -15.26 13.05 -22.11
C THR B 71 -15.16 11.55 -22.35
N VAL B 72 -15.64 11.07 -23.49
CA VAL B 72 -15.55 9.64 -23.80
C VAL B 72 -15.18 9.51 -25.26
N ASP B 73 -15.20 8.28 -25.75
CA ASP B 73 -14.88 7.98 -27.15
C ASP B 73 -15.02 6.47 -27.39
N SER B 77 -12.84 2.18 -27.25
CA SER B 77 -13.87 2.76 -26.34
C SER B 77 -13.20 3.19 -25.05
N THR B 78 -12.84 4.46 -24.96
CA THR B 78 -12.17 4.96 -23.77
C THR B 78 -12.93 6.09 -23.12
N ALA B 79 -12.52 6.42 -21.91
CA ALA B 79 -13.12 7.50 -21.14
C ALA B 79 -11.94 8.28 -20.58
N TYR B 80 -12.08 9.60 -20.56
CA TYR B 80 -11.03 10.51 -20.08
C TYR B 80 -11.49 11.43 -18.97
N MET B 81 -10.57 11.76 -18.08
CA MET B 81 -10.85 12.72 -17.04
C MET B 81 -9.67 13.64 -17.11
N GLN B 82 -9.94 14.92 -17.27
CA GLN B 82 -8.88 15.88 -17.35
C GLN B 82 -9.03 16.74 -16.10
N LEU B 83 -7.91 17.03 -15.46
CA LEU B 83 -7.89 17.87 -14.27
C LEU B 83 -7.30 19.21 -14.66
N SER B 84 -7.24 20.15 -13.74
CA SER B 84 -6.72 21.46 -14.06
C SER B 84 -6.19 22.20 -12.84
N SER B 85 -5.19 23.06 -13.07
CA SER B 85 -4.57 23.87 -12.02
C SER B 85 -4.14 23.00 -10.84
N LEU B 86 -3.33 22.00 -11.15
CA LEU B 86 -2.85 21.04 -10.17
C LEU B 86 -2.07 21.63 -9.01
N THR B 87 -2.40 21.16 -7.82
CA THR B 87 -1.75 21.57 -6.59
C THR B 87 -1.29 20.29 -5.88
N SER B 88 -0.57 20.43 -4.78
CA SER B 88 -0.10 19.27 -4.02
C SER B 88 -1.28 18.44 -3.56
N GLU B 89 -2.41 19.11 -3.32
CA GLU B 89 -3.63 18.44 -2.88
C GLU B 89 -4.13 17.52 -3.96
N ASP B 90 -3.72 17.75 -5.20
CA ASP B 90 -4.16 16.90 -6.30
C ASP B 90 -3.37 15.62 -6.45
N SER B 91 -2.36 15.44 -5.60
CA SER B 91 -1.57 14.24 -5.66
C SER B 91 -2.38 13.13 -5.01
N ALA B 92 -2.90 12.23 -5.84
CA ALA B 92 -3.70 11.13 -5.36
C ALA B 92 -3.77 10.03 -6.39
N VAL B 93 -4.52 8.99 -6.06
CA VAL B 93 -4.71 7.89 -6.96
C VAL B 93 -6.10 8.16 -7.55
N TYR B 94 -6.21 8.11 -8.86
CA TYR B 94 -7.48 8.36 -9.52
C TYR B 94 -7.97 7.11 -10.20
N TYR B 95 -9.15 6.64 -9.80
CA TYR B 95 -9.76 5.45 -10.38
C TYR B 95 -10.90 5.82 -11.31
N CYS B 96 -11.20 4.92 -12.23
CA CYS B 96 -12.34 5.09 -13.10
C CYS B 96 -13.08 3.79 -12.74
N ALA B 97 -14.40 3.84 -12.66
CA ALA B 97 -15.15 2.68 -12.25
C ALA B 97 -16.56 2.66 -12.79
N ASN B 98 -17.15 1.47 -12.83
CA ASN B 98 -18.51 1.28 -13.24
C ASN B 98 -19.12 0.80 -11.94
N LEU B 99 -19.98 1.63 -11.36
CA LEU B 99 -20.60 1.27 -10.09
C LEU B 99 -22.13 1.20 -10.26
N ARG B 100 -22.65 0.04 -10.68
CA ARG B 100 -24.09 -0.13 -10.88
C ARG B 100 -24.56 -1.39 -10.16
N GLY B 101 -24.64 -1.32 -8.83
CA GLY B 101 -25.08 -2.46 -8.07
C GLY B 101 -24.16 -3.63 -8.27
N TYR B 102 -24.70 -4.72 -8.82
CA TYR B 102 -23.93 -5.94 -9.06
C TYR B 102 -22.91 -5.79 -10.18
N PHE B 103 -23.00 -4.73 -10.96
CA PHE B 103 -22.03 -4.53 -12.02
C PHE B 103 -21.06 -3.48 -11.49
N ASP B 104 -20.07 -3.94 -10.75
CA ASP B 104 -19.09 -3.07 -10.11
C ASP B 104 -17.67 -3.42 -10.53
N TYR B 105 -17.03 -2.53 -11.28
CA TYR B 105 -15.67 -2.74 -11.76
C TYR B 105 -14.83 -1.49 -11.65
N TRP B 106 -13.62 -1.66 -11.12
CA TRP B 106 -12.70 -0.55 -10.95
C TRP B 106 -11.43 -0.76 -11.75
N GLY B 107 -10.83 0.33 -12.19
CA GLY B 107 -9.58 0.25 -12.92
C GLY B 107 -8.48 0.20 -11.88
N GLN B 108 -7.26 0.00 -12.32
CA GLN B 108 -6.10 -0.09 -11.42
C GLN B 108 -5.78 1.21 -10.69
N GLY B 109 -6.20 2.34 -11.24
CA GLY B 109 -5.92 3.63 -10.60
C GLY B 109 -4.65 4.22 -11.17
N THR B 110 -4.60 5.54 -11.32
CA THR B 110 -3.42 6.22 -11.84
C THR B 110 -2.90 7.07 -10.72
N THR B 111 -1.64 6.89 -10.35
CA THR B 111 -1.07 7.71 -9.29
C THR B 111 -0.57 9.01 -9.93
N LEU B 112 -1.13 10.14 -9.48
CA LEU B 112 -0.77 11.46 -9.99
C LEU B 112 0.07 12.19 -8.94
N THR B 113 1.33 12.44 -9.28
CA THR B 113 2.24 13.14 -8.37
C THR B 113 2.42 14.55 -8.93
N VAL B 114 2.00 15.54 -8.17
CA VAL B 114 2.16 16.92 -8.60
C VAL B 114 3.39 17.43 -7.88
N SER B 115 4.47 17.61 -8.65
CA SER B 115 5.73 18.05 -8.08
C SER B 115 6.63 18.63 -9.14
N SER B 116 7.45 19.57 -8.71
CA SER B 116 8.41 20.22 -9.58
C SER B 116 9.67 19.35 -9.73
N ALA B 117 9.96 18.57 -8.68
CA ALA B 117 11.13 17.69 -8.62
C ALA B 117 11.27 16.87 -9.87
N LYS B 118 12.51 16.67 -10.29
CA LYS B 118 12.80 15.90 -11.50
C LYS B 118 12.99 14.43 -11.21
N THR B 119 12.63 13.61 -12.19
CA THR B 119 12.78 12.17 -12.10
C THR B 119 14.26 11.85 -11.84
N THR B 120 14.46 10.92 -10.92
CA THR B 120 15.80 10.51 -10.55
C THR B 120 15.72 9.00 -10.46
N PRO B 121 16.67 8.30 -11.11
CA PRO B 121 16.73 6.84 -11.11
C PRO B 121 17.27 6.35 -9.77
N PRO B 122 16.90 5.13 -9.34
CA PRO B 122 17.40 4.61 -8.07
C PRO B 122 18.79 3.94 -8.12
N SER B 123 19.48 3.99 -6.99
CA SER B 123 20.77 3.34 -6.83
C SER B 123 20.40 2.07 -6.03
N VAL B 124 20.71 0.91 -6.57
CA VAL B 124 20.38 -0.33 -5.90
C VAL B 124 21.65 -0.90 -5.30
N TYR B 125 21.59 -1.26 -4.03
CA TYR B 125 22.73 -1.80 -3.35
C TYR B 125 22.30 -3.10 -2.75
N PRO B 126 23.15 -4.11 -2.80
CA PRO B 126 22.85 -5.43 -2.25
C PRO B 126 23.13 -5.55 -0.75
N LEU B 127 22.28 -6.29 -0.03
CA LEU B 127 22.47 -6.50 1.40
C LEU B 127 22.71 -7.99 1.64
N ALA B 128 23.97 -8.36 1.76
CA ALA B 128 24.37 -9.74 2.02
C ALA B 128 24.80 -9.70 3.46
N PRO B 129 24.47 -10.73 4.23
CA PRO B 129 24.90 -10.67 5.62
C PRO B 129 26.43 -10.69 5.67
N GLY B 130 26.97 -10.13 6.75
CA GLY B 130 28.41 -10.08 6.92
C GLY B 130 28.77 -10.97 8.10
N THR B 134 25.87 -15.01 7.55
CA THR B 134 25.93 -16.50 7.66
C THR B 134 24.95 -16.95 8.75
N THR B 135 25.20 -18.13 9.33
CA THR B 135 24.41 -18.71 10.42
C THR B 135 22.90 -18.89 10.21
N GLY B 136 22.33 -19.86 10.91
CA GLY B 136 20.90 -20.13 10.82
C GLY B 136 20.55 -21.21 9.82
N SER B 137 19.30 -21.67 9.89
CA SER B 137 18.80 -22.70 8.98
C SER B 137 18.29 -22.04 7.71
N SER B 138 18.22 -20.71 7.75
CA SER B 138 17.77 -19.93 6.62
C SER B 138 18.45 -18.58 6.75
N VAL B 139 18.78 -17.97 5.62
CA VAL B 139 19.43 -16.69 5.61
C VAL B 139 18.55 -15.66 4.90
N THR B 140 18.46 -14.47 5.48
CA THR B 140 17.71 -13.32 4.96
C THR B 140 18.65 -12.42 4.14
N LEU B 141 18.24 -12.06 2.94
CA LEU B 141 19.05 -11.22 2.08
C LEU B 141 18.15 -10.03 1.73
N GLY B 142 18.74 -9.00 1.14
CA GLY B 142 17.93 -7.87 0.76
C GLY B 142 18.57 -6.93 -0.23
N CYS B 143 17.82 -5.92 -0.64
CA CYS B 143 18.33 -4.93 -1.58
C CYS B 143 17.88 -3.57 -1.07
N LEU B 144 18.71 -2.56 -1.21
CA LEU B 144 18.36 -1.23 -0.77
C LEU B 144 18.21 -0.40 -2.01
N VAL B 145 17.01 0.17 -2.21
CA VAL B 145 16.74 1.01 -3.37
C VAL B 145 16.83 2.41 -2.78
N LYS B 146 17.81 3.17 -3.22
CA LYS B 146 18.07 4.48 -2.65
C LYS B 146 18.04 5.67 -3.63
N GLY B 147 17.42 6.77 -3.16
CA GLY B 147 17.35 8.02 -3.90
C GLY B 147 16.70 8.16 -5.26
N TYR B 148 15.42 7.82 -5.35
CA TYR B 148 14.72 7.90 -6.61
C TYR B 148 13.47 8.78 -6.52
N PHE B 149 12.95 9.15 -7.67
CA PHE B 149 11.75 9.98 -7.73
C PHE B 149 11.24 9.90 -9.16
N PRO B 150 9.90 9.72 -9.34
CA PRO B 150 8.82 9.60 -8.36
C PRO B 150 8.73 8.22 -7.66
N GLU B 151 7.85 8.13 -6.67
CA GLU B 151 7.68 6.94 -5.86
C GLU B 151 7.70 5.53 -6.47
N SER B 152 6.81 5.27 -7.41
CA SER B 152 6.71 3.93 -7.98
C SER B 152 7.95 3.13 -8.41
N VAL B 153 8.35 2.18 -7.56
CA VAL B 153 9.45 1.26 -7.85
C VAL B 153 8.96 -0.13 -7.46
N THR B 154 9.33 -1.13 -8.24
CA THR B 154 8.93 -2.52 -7.97
C THR B 154 10.13 -3.43 -7.77
N VAL B 155 10.18 -4.16 -6.67
CA VAL B 155 11.30 -5.07 -6.43
C VAL B 155 10.83 -6.50 -6.54
N THR B 156 11.49 -7.28 -7.40
CA THR B 156 11.13 -8.68 -7.56
C THR B 156 12.39 -9.50 -7.33
N TRP B 157 12.21 -10.73 -6.86
CA TRP B 157 13.32 -11.63 -6.58
C TRP B 157 13.24 -12.81 -7.53
N ASN B 158 14.36 -13.09 -8.19
CA ASN B 158 14.43 -14.15 -9.21
C ASN B 158 13.29 -13.95 -10.22
N SER B 159 13.17 -12.71 -10.71
CA SER B 159 12.14 -12.26 -11.64
C SER B 159 10.73 -12.51 -11.08
N GLY B 160 10.61 -12.49 -9.76
CA GLY B 160 9.33 -12.71 -9.15
C GLY B 160 8.99 -14.16 -8.90
N SER B 161 9.89 -15.08 -9.22
CA SER B 161 9.57 -16.49 -8.98
C SER B 161 9.83 -16.86 -7.54
N LEU B 162 10.66 -16.08 -6.87
CA LEU B 162 10.95 -16.31 -5.47
C LEU B 162 10.01 -15.29 -4.82
N SER B 163 8.88 -15.74 -4.30
CA SER B 163 7.92 -14.82 -3.72
C SER B 163 7.38 -15.17 -2.35
N SER B 164 7.72 -16.34 -1.81
CA SER B 164 7.17 -16.76 -0.52
C SER B 164 7.62 -16.11 0.78
N SER B 165 8.86 -15.65 0.85
CA SER B 165 9.37 -15.05 2.10
C SER B 165 9.87 -13.64 1.90
N VAL B 166 9.22 -12.90 1.03
CA VAL B 166 9.64 -11.56 0.73
C VAL B 166 8.92 -10.54 1.59
N HIS B 167 9.62 -9.51 2.00
CA HIS B 167 9.00 -8.44 2.74
C HIS B 167 9.45 -7.23 1.98
N THR B 168 8.50 -6.41 1.53
CA THR B 168 8.89 -5.18 0.86
C THR B 168 8.44 -4.06 1.78
N PHE B 169 9.39 -3.21 2.15
CA PHE B 169 9.11 -2.10 3.05
C PHE B 169 8.83 -0.81 2.29
N PRO B 170 7.82 -0.06 2.73
CA PRO B 170 7.34 1.22 2.20
C PRO B 170 8.44 2.25 2.06
N ALA B 171 8.35 3.04 0.99
CA ALA B 171 9.31 4.10 0.67
C ALA B 171 9.22 5.21 1.69
N LEU B 172 10.33 5.89 1.88
CA LEU B 172 10.42 6.99 2.81
C LEU B 172 11.19 8.10 2.12
N LEU B 173 10.91 9.33 2.50
CA LEU B 173 11.62 10.47 1.96
C LEU B 173 12.92 10.63 2.75
N GLN B 174 14.04 10.57 2.04
CA GLN B 174 15.36 10.71 2.63
C GLN B 174 15.95 11.80 1.74
N SER B 175 16.20 12.96 2.32
CA SER B 175 16.70 14.08 1.53
C SER B 175 15.44 14.53 0.80
N GLY B 176 15.46 14.52 -0.52
CA GLY B 176 14.25 14.88 -1.23
C GLY B 176 13.81 13.71 -2.10
N LEU B 177 14.48 12.58 -1.93
CA LEU B 177 14.23 11.40 -2.72
C LEU B 177 13.70 10.25 -1.89
N TYR B 178 13.13 9.25 -2.56
CA TYR B 178 12.59 8.11 -1.85
C TYR B 178 13.59 7.01 -1.59
N THR B 179 13.28 6.19 -0.58
CA THR B 179 14.14 5.09 -0.20
C THR B 179 13.32 3.94 0.38
N MET B 180 13.57 2.72 -0.11
CA MET B 180 12.89 1.55 0.38
C MET B 180 13.86 0.38 0.29
N SER B 181 13.53 -0.69 0.99
CA SER B 181 14.35 -1.88 0.99
C SER B 181 13.41 -3.08 0.84
N SER B 182 13.95 -4.23 0.48
CA SER B 182 13.16 -5.44 0.33
C SER B 182 14.02 -6.60 0.88
N SER B 183 13.40 -7.60 1.51
CA SER B 183 14.15 -8.73 2.03
C SER B 183 13.58 -10.06 1.54
N VAL B 184 14.42 -11.09 1.46
CA VAL B 184 13.99 -12.41 1.03
C VAL B 184 14.73 -13.42 1.90
N THR B 185 14.01 -14.41 2.43
CA THR B 185 14.61 -15.44 3.27
C THR B 185 14.64 -16.80 2.54
N VAL B 186 15.83 -17.34 2.34
CA VAL B 186 15.98 -18.61 1.64
C VAL B 186 16.70 -19.58 2.58
N PRO B 187 16.68 -20.90 2.27
CA PRO B 187 17.35 -21.91 3.09
C PRO B 187 18.88 -21.70 3.05
N SER B 188 19.53 -21.81 4.21
CA SER B 188 21.00 -21.60 4.32
C SER B 188 21.84 -22.37 3.31
N SER B 189 21.48 -23.62 3.07
CA SER B 189 22.21 -24.46 2.13
C SER B 189 22.08 -24.03 0.66
N THR B 190 21.08 -23.21 0.37
CA THR B 190 20.89 -22.76 -1.01
C THR B 190 21.64 -21.50 -1.34
N TRP B 191 22.18 -20.82 -0.33
CA TRP B 191 22.94 -19.61 -0.60
C TRP B 191 24.27 -19.70 0.15
N PRO B 192 25.40 -19.40 -0.51
CA PRO B 192 25.46 -18.95 -1.90
C PRO B 192 25.55 -19.95 -3.02
N SER B 193 25.25 -21.23 -2.78
CA SER B 193 25.33 -22.21 -3.88
C SER B 193 24.48 -21.78 -5.10
N GLN B 194 23.30 -21.22 -4.84
CA GLN B 194 22.40 -20.74 -5.90
C GLN B 194 22.31 -19.25 -5.74
N THR B 195 22.26 -18.51 -6.83
CA THR B 195 22.22 -17.08 -6.66
C THR B 195 20.82 -16.49 -6.67
N VAL B 196 20.63 -15.46 -5.86
CA VAL B 196 19.35 -14.78 -5.81
C VAL B 196 19.67 -13.42 -6.38
N THR B 197 18.72 -12.83 -7.09
CA THR B 197 18.89 -11.54 -7.72
C THR B 197 17.65 -10.71 -7.43
N CYS B 198 17.82 -9.43 -7.11
CA CYS B 198 16.64 -8.60 -6.89
C CYS B 198 16.56 -7.71 -8.12
N SER B 199 15.37 -7.55 -8.69
CA SER B 199 15.21 -6.72 -9.86
C SER B 199 14.42 -5.52 -9.42
N VAL B 200 14.91 -4.35 -9.77
CA VAL B 200 14.23 -3.13 -9.41
C VAL B 200 13.81 -2.40 -10.69
N ALA B 201 12.52 -2.10 -10.80
CA ALA B 201 12.01 -1.41 -11.97
C ALA B 201 11.48 -0.05 -11.58
N HIS B 202 12.04 1.00 -12.18
CA HIS B 202 11.56 2.36 -11.94
C HIS B 202 11.02 2.79 -13.30
N PRO B 203 9.72 2.60 -13.53
CA PRO B 203 9.09 2.97 -14.81
C PRO B 203 9.32 4.43 -15.16
N ALA B 204 9.09 5.33 -14.20
CA ALA B 204 9.26 6.76 -14.40
C ALA B 204 10.58 7.20 -15.00
N SER B 205 11.64 6.41 -14.79
CA SER B 205 12.96 6.73 -15.34
C SER B 205 13.41 5.68 -16.33
N SER B 206 12.50 4.81 -16.76
CA SER B 206 12.83 3.72 -17.69
C SER B 206 14.06 2.98 -17.19
N THR B 207 14.00 2.58 -15.91
CA THR B 207 15.09 1.91 -15.25
C THR B 207 14.71 0.50 -14.83
N THR B 208 15.61 -0.45 -15.09
CA THR B 208 15.46 -1.86 -14.71
C THR B 208 16.85 -2.36 -14.33
N VAL B 209 17.11 -2.47 -13.04
CA VAL B 209 18.42 -2.91 -12.56
C VAL B 209 18.33 -4.24 -11.86
N ASP B 210 19.28 -5.13 -12.14
CA ASP B 210 19.32 -6.41 -11.47
C ASP B 210 20.54 -6.36 -10.61
N LYS B 211 20.48 -7.03 -9.46
CA LYS B 211 21.61 -7.07 -8.55
C LYS B 211 21.76 -8.51 -8.07
N LYS B 212 22.92 -9.11 -8.32
CA LYS B 212 23.17 -10.48 -7.87
C LYS B 212 23.65 -10.39 -6.42
N LEU B 213 23.15 -11.27 -5.56
CA LEU B 213 23.59 -11.25 -4.17
C LEU B 213 24.67 -12.29 -3.94
N GLU B 214 25.89 -11.78 -3.84
CA GLU B 214 27.13 -12.53 -3.60
C GLU B 214 27.57 -12.21 -2.19
N PRO B 215 28.28 -13.15 -1.53
CA PRO B 215 28.76 -12.93 -0.15
C PRO B 215 29.68 -11.72 0.06
ZN ZN C . 33.85 4.59 17.71
N1 IMD D . 35.60 4.58 17.82
C2 IMD D . 36.28 5.68 17.52
N3 IMD D . 37.60 5.43 17.40
C4 IMD D . 37.78 4.10 17.64
C5 IMD D . 36.54 3.59 17.91
PB IDP E . -33.84 -3.33 -8.91
O1B IDP E . -33.51 -4.76 -9.13
O2B IDP E . -34.75 -2.78 -9.97
O3B IDP E . -34.31 -3.02 -7.52
PA IDP E . -32.06 -1.01 -9.32
O1A IDP E . -30.93 -0.89 -10.29
O2A IDP E . -31.97 -0.45 -7.95
O3A IDP E . -32.44 -2.55 -9.13
O5' IDP E . -33.28 -0.27 -10.08
C5' IDP E . -34.07 0.79 -9.51
C4' IDP E . -33.91 2.17 -10.16
O4' IDP E . -33.36 3.28 -9.45
C3' IDP E . -33.61 2.42 -11.63
O3' IDP E . -34.39 3.46 -12.19
C2' IDP E . -32.19 2.87 -11.50
O2' IDP E . -31.70 3.57 -12.63
C1' IDP E . -32.13 3.53 -10.13
N9 IDP E . -30.91 3.20 -9.38
C8 IDP E . -30.14 2.13 -9.62
N7 IDP E . -29.00 2.23 -8.93
C5 IDP E . -29.08 3.36 -8.25
C6 IDP E . -28.08 3.99 -7.30
O6 IDP E . -26.95 3.59 -7.00
N1 IDP E . -28.61 5.15 -6.78
C2 IDP E . -29.85 5.67 -7.02
N3 IDP E . -30.66 5.14 -7.92
C4 IDP E . -30.29 3.99 -8.52
#